data_9GID
#
_entry.id   9GID
#
_cell.length_a   41.56
_cell.length_b   72.5
_cell.length_c   95.79
_cell.angle_alpha   90
_cell.angle_beta   90
_cell.angle_gamma   90
#
_symmetry.space_group_name_H-M   'P 21 21 21'
#
loop_
_entity.id
_entity.type
_entity.pdbx_description
1 polymer 'Glutamate receptor ionotropic, NMDA 1'
2 non-polymer '(2~{R})-2-azanyl-3-[(7-bromanyl-4-fluoranyl-3~{H}-1-benzothiophen-2-yl)carbonylamino]propanoic acid'
3 non-polymer 'SULFATE ION'
4 water water
#
_entity_poly.entity_id   1
_entity_poly.type   'polypeptide(L)'
_entity_poly.pdbx_seq_one_letter_code
;MSTRLKIVTIHQEPFVYVKPTLSDGTCKEEFTVNGDPVKKVICTGPNDTSPGSPRHTVPQCCYGFCIDLLIKLARTMNFT
YEVHLVADGKFGTQERVNNSNKKEWNGMMGELLSGQADMIVAPLTINNERAQYIEFSKPFKYQGLTILVKKGTRITGIND
PRLRNPSDKFIYATVKQSSVDIYFRRQVELSTMYRHMEKHNYESAAEAIQAVRDNKLHAFIWDSAVLEFEASQKCDLVTT
GELFFRSGFGIGMRKDSPWKQNVSLSILKSHENGFMEDLDKTWVRYQECDSR
;
_entity_poly.pdbx_strand_id   A
#
# COMPACT_ATOMS: atom_id res chain seq x y z
N ARG A 4 1.09 5.21 24.44
CA ARG A 4 1.60 4.13 23.54
C ARG A 4 0.69 4.08 22.31
N LEU A 5 1.23 4.54 21.18
CA LEU A 5 0.47 4.74 19.96
C LEU A 5 0.06 3.41 19.34
N LYS A 6 -1.17 3.36 18.85
CA LYS A 6 -1.58 2.23 18.04
C LYS A 6 -1.26 2.56 16.58
N ILE A 7 -0.24 1.84 16.06
CA ILE A 7 0.11 1.94 14.65
C ILE A 7 -0.71 0.92 13.89
N VAL A 8 -1.40 1.35 12.82
CA VAL A 8 -2.02 0.44 11.88
C VAL A 8 -1.25 0.47 10.55
N THR A 9 -1.08 -0.72 9.95
CA THR A 9 -0.36 -0.81 8.69
C THR A 9 -1.05 -1.88 7.85
N ILE A 10 -0.43 -2.24 6.74
CA ILE A 10 -1.09 -3.12 5.77
C ILE A 10 -0.01 -3.89 5.03
N HIS A 11 -0.29 -5.15 4.68
CA HIS A 11 0.67 -5.94 3.92
C HIS A 11 0.91 -5.27 2.57
N GLN A 12 2.15 -4.92 2.21
CA GLN A 12 2.40 -4.31 0.92
C GLN A 12 3.90 -4.26 0.64
N GLU A 13 4.44 -5.26 -0.02
CA GLU A 13 5.87 -5.25 -0.31
C GLU A 13 6.19 -4.13 -1.30
N PRO A 14 7.36 -3.46 -1.20
CA PRO A 14 8.38 -3.73 -0.20
C PRO A 14 8.35 -2.82 1.04
N PHE A 15 7.20 -2.15 1.25
CA PHE A 15 7.04 -1.23 2.37
C PHE A 15 6.76 -2.00 3.65
N VAL A 16 5.95 -3.05 3.54
CA VAL A 16 5.55 -3.85 4.69
C VAL A 16 5.47 -5.30 4.24
N TYR A 17 6.47 -6.09 4.68
CA TYR A 17 6.38 -7.54 4.62
C TYR A 17 5.62 -8.06 5.84
N VAL A 18 4.90 -9.18 5.68
CA VAL A 18 4.21 -9.82 6.79
C VAL A 18 4.50 -11.31 6.73
N LYS A 19 5.05 -11.85 7.84
CA LYS A 19 5.45 -13.25 7.91
C LYS A 19 5.06 -13.82 9.26
N PRO A 20 4.83 -15.15 9.35
CA PRO A 20 4.49 -15.77 10.62
C PRO A 20 5.69 -15.73 11.57
N THR A 21 5.42 -15.73 12.89
CA THR A 21 6.47 -16.00 13.85
C THR A 21 6.92 -17.45 13.69
N LEU A 22 8.10 -17.76 14.23
CA LEU A 22 8.53 -19.14 14.38
C LEU A 22 7.66 -19.79 15.44
N SER A 23 7.90 -21.09 15.70
CA SER A 23 7.23 -21.83 16.75
C SER A 23 7.33 -21.08 18.06
N ASP A 24 8.44 -20.38 18.29
CA ASP A 24 8.74 -19.90 19.63
C ASP A 24 8.20 -18.49 19.83
N GLY A 25 7.46 -17.95 18.82
CA GLY A 25 6.99 -16.58 18.90
C GLY A 25 8.02 -15.55 18.43
N THR A 26 9.25 -15.91 18.05
CA THR A 26 10.22 -14.95 17.55
C THR A 26 10.06 -14.76 16.03
N CYS A 27 10.82 -13.80 15.46
CA CYS A 27 10.91 -13.62 14.02
C CYS A 27 12.28 -14.06 13.52
N LYS A 28 12.24 -14.76 12.39
CA LYS A 28 13.42 -15.28 11.73
C LYS A 28 14.53 -14.21 11.65
N GLU A 29 15.75 -14.62 12.01
CA GLU A 29 16.92 -13.76 11.96
C GLU A 29 17.32 -13.61 10.50
N GLU A 30 17.25 -12.37 10.00
CA GLU A 30 17.60 -12.07 8.61
C GLU A 30 18.52 -10.85 8.52
N PHE A 31 19.28 -10.79 7.42
CA PHE A 31 20.22 -9.70 7.18
C PHE A 31 19.96 -9.06 5.81
N THR A 32 20.23 -7.76 5.70
CA THR A 32 19.96 -7.04 4.47
C THR A 32 21.07 -7.33 3.48
N VAL A 33 20.89 -6.83 2.25
CA VAL A 33 21.87 -7.00 1.20
C VAL A 33 23.22 -6.44 1.65
N ASN A 34 23.17 -5.44 2.56
CA ASN A 34 24.36 -4.78 3.09
C ASN A 34 24.96 -5.54 4.27
N GLY A 35 24.28 -6.58 4.78
CA GLY A 35 24.79 -7.38 5.89
C GLY A 35 24.28 -6.97 7.28
N ASP A 36 23.45 -5.93 7.38
CA ASP A 36 22.90 -5.53 8.67
C ASP A 36 21.62 -6.28 9.02
N PRO A 37 21.28 -6.45 10.31
CA PRO A 37 20.08 -7.17 10.68
C PRO A 37 18.83 -6.50 10.13
N VAL A 38 17.88 -7.31 9.67
CA VAL A 38 16.60 -6.81 9.25
C VAL A 38 15.77 -6.55 10.48
N LYS A 39 15.29 -5.30 10.62
CA LYS A 39 14.52 -4.92 11.78
C LYS A 39 13.08 -5.42 11.63
N LYS A 40 12.59 -6.08 12.68
CA LYS A 40 11.34 -6.80 12.69
C LYS A 40 10.56 -6.43 13.95
N VAL A 41 9.28 -6.13 13.75
CA VAL A 41 8.36 -5.77 14.81
C VAL A 41 7.23 -6.78 14.78
N ILE A 42 6.68 -7.09 15.96
CA ILE A 42 5.50 -7.91 16.05
C ILE A 42 4.30 -7.10 15.64
N CYS A 43 3.55 -7.58 14.65
CA CYS A 43 2.28 -6.96 14.27
C CYS A 43 1.17 -8.00 14.40
N THR A 44 0.11 -7.69 15.13
CA THR A 44 -1.04 -8.59 15.22
C THR A 44 -1.95 -8.33 14.03
N GLY A 45 -2.56 -9.39 13.52
CA GLY A 45 -3.58 -9.23 12.50
C GLY A 45 -4.01 -10.53 11.84
N PRO A 46 -4.95 -10.46 10.88
CA PRO A 46 -5.46 -11.66 10.24
C PRO A 46 -4.32 -12.37 9.54
N ASN A 47 -4.18 -13.68 9.75
CA ASN A 47 -3.19 -14.46 9.04
C ASN A 47 -3.81 -14.96 7.73
N ASP A 48 -5.00 -15.60 7.82
CA ASP A 48 -5.67 -16.22 6.68
C ASP A 48 -6.78 -15.29 6.17
N THR A 49 -6.70 -14.97 4.86
CA THR A 49 -7.65 -14.14 4.14
C THR A 49 -8.29 -14.91 2.99
N SER A 50 -7.98 -16.21 2.83
CA SER A 50 -8.44 -16.97 1.67
C SER A 50 -9.89 -17.40 1.92
N PRO A 51 -10.85 -16.95 1.09
CA PRO A 51 -12.28 -17.10 1.39
C PRO A 51 -12.77 -18.52 1.67
N GLY A 52 -13.50 -18.67 2.79
CA GLY A 52 -14.06 -19.94 3.22
C GLY A 52 -13.40 -20.47 4.50
N SER A 53 -12.11 -20.16 4.64
CA SER A 53 -11.32 -20.58 5.77
C SER A 53 -11.49 -19.57 6.91
N PRO A 54 -11.50 -19.98 8.21
CA PRO A 54 -11.62 -19.04 9.32
C PRO A 54 -10.53 -17.98 9.33
N ARG A 55 -10.88 -16.78 9.84
CA ARG A 55 -9.89 -15.74 10.07
C ARG A 55 -9.39 -15.89 11.51
N HIS A 56 -8.13 -15.52 11.74
CA HIS A 56 -7.57 -15.50 13.08
C HIS A 56 -6.61 -14.31 13.20
N THR A 57 -6.73 -13.56 14.31
CA THR A 57 -5.78 -12.49 14.63
C THR A 57 -4.62 -13.05 15.45
N VAL A 58 -3.44 -13.15 14.83
CA VAL A 58 -2.29 -13.74 15.48
C VAL A 58 -1.13 -12.76 15.45
N PRO A 59 -0.14 -12.91 16.37
CA PRO A 59 1.16 -12.25 16.22
C PRO A 59 1.85 -12.67 14.94
N GLN A 60 2.34 -11.66 14.20
CA GLN A 60 3.13 -11.86 13.00
C GLN A 60 4.36 -10.95 13.01
N CYS A 61 5.25 -11.19 12.04
CA CYS A 61 6.46 -10.40 11.90
C CYS A 61 6.33 -9.42 10.74
N CYS A 62 6.63 -8.14 11.01
CA CYS A 62 6.54 -7.04 10.06
C CYS A 62 7.93 -6.44 9.88
N TYR A 63 8.27 -6.12 8.63
CA TYR A 63 9.49 -5.41 8.30
C TYR A 63 9.34 -4.80 6.91
N GLY A 64 10.27 -3.90 6.54
CA GLY A 64 10.21 -3.19 5.25
C GLY A 64 10.48 -1.69 5.40
N PHE A 65 10.39 -1.00 4.28
CA PHE A 65 10.63 0.43 4.21
C PHE A 65 9.87 1.13 5.32
N CYS A 66 8.56 0.82 5.44
CA CYS A 66 7.70 1.57 6.34
C CYS A 66 7.98 1.23 7.79
N ILE A 67 8.52 0.03 8.04
CA ILE A 67 8.73 -0.42 9.41
C ILE A 67 10.00 0.25 9.91
N ASP A 68 11.05 0.28 9.08
CA ASP A 68 12.25 1.04 9.37
C ASP A 68 11.90 2.51 9.64
N LEU A 69 10.98 3.04 8.84
CA LEU A 69 10.56 4.42 8.94
C LEU A 69 9.87 4.68 10.28
N LEU A 70 8.92 3.79 10.64
CA LEU A 70 8.29 3.79 11.96
C LEU A 70 9.34 3.79 13.07
N ILE A 71 10.34 2.90 13.00
CA ILE A 71 11.31 2.76 14.08
C ILE A 71 12.10 4.08 14.23
N LYS A 72 12.48 4.66 13.09
CA LYS A 72 13.13 5.96 13.10
C LYS A 72 12.20 7.01 13.74
N LEU A 73 10.91 7.04 13.38
CA LEU A 73 10.01 8.03 13.93
C LEU A 73 9.93 7.87 15.44
N ALA A 74 9.73 6.63 15.89
CA ALA A 74 9.59 6.32 17.30
C ALA A 74 10.83 6.76 18.08
N ARG A 75 12.02 6.50 17.55
CA ARG A 75 13.23 6.86 18.26
C ARG A 75 13.33 8.39 18.33
N THR A 76 13.12 9.06 17.19
CA THR A 76 13.38 10.49 17.03
C THR A 76 12.45 11.27 17.96
N MET A 77 11.17 10.89 17.91
CA MET A 77 10.13 11.64 18.58
C MET A 77 9.80 11.00 19.92
N ASN A 78 10.48 9.92 20.27
CA ASN A 78 10.53 9.42 21.63
C ASN A 78 9.18 8.83 22.05
N PHE A 79 8.52 8.11 21.16
CA PHE A 79 7.26 7.49 21.56
C PHE A 79 7.42 5.97 21.47
N THR A 80 6.54 5.27 22.22
CA THR A 80 6.34 3.84 22.18
C THR A 80 5.13 3.54 21.32
N TYR A 81 5.05 2.32 20.79
CA TYR A 81 3.97 2.01 19.87
C TYR A 81 3.66 0.53 19.94
N GLU A 82 2.53 0.12 19.36
CA GLU A 82 2.31 -1.27 18.99
C GLU A 82 1.58 -1.30 17.66
N VAL A 83 1.91 -2.28 16.83
CA VAL A 83 1.52 -2.30 15.43
C VAL A 83 0.51 -3.42 15.20
N HIS A 84 -0.55 -3.11 14.43
CA HIS A 84 -1.42 -4.17 13.97
C HIS A 84 -1.76 -3.93 12.50
N LEU A 85 -2.16 -5.00 11.81
CA LEU A 85 -2.62 -4.94 10.44
C LEU A 85 -4.11 -4.61 10.44
N VAL A 86 -4.52 -3.80 9.46
CA VAL A 86 -5.90 -3.37 9.31
C VAL A 86 -6.80 -4.60 9.15
N ALA A 87 -7.92 -4.61 9.88
CA ALA A 87 -8.67 -5.83 10.09
C ALA A 87 -9.39 -6.25 8.81
N ASP A 88 -9.93 -5.26 8.04
CA ASP A 88 -10.58 -5.56 6.78
C ASP A 88 -9.60 -5.63 5.59
N GLY A 89 -8.30 -5.41 5.83
CA GLY A 89 -7.26 -5.61 4.83
C GLY A 89 -7.16 -4.46 3.80
N LYS A 90 -7.85 -3.33 4.04
CA LYS A 90 -8.05 -2.32 3.02
C LYS A 90 -7.36 -1.00 3.35
N PHE A 91 -7.09 -0.22 2.30
CA PHE A 91 -6.43 1.07 2.45
C PHE A 91 -7.42 2.09 3.04
N GLY A 92 -8.59 2.23 2.40
CA GLY A 92 -9.65 3.05 2.95
C GLY A 92 -10.32 3.89 1.87
N THR A 93 -11.60 3.61 1.62
CA THR A 93 -12.48 4.52 0.88
C THR A 93 -13.71 4.82 1.73
N GLN A 94 -14.42 5.88 1.32
CA GLN A 94 -15.62 6.29 2.01
C GLN A 94 -16.78 5.61 1.32
N GLU A 95 -17.62 4.90 2.06
CA GLU A 95 -18.70 4.17 1.44
C GLU A 95 -19.93 4.16 2.34
N ARG A 96 -21.10 4.18 1.70
CA ARG A 96 -22.36 4.04 2.41
C ARG A 96 -22.32 2.73 3.16
N VAL A 97 -22.73 2.76 4.43
CA VAL A 97 -22.77 1.56 5.27
C VAL A 97 -24.20 1.13 5.52
N ASN A 98 -24.30 -0.19 5.72
CA ASN A 98 -25.48 -0.81 6.28
C ASN A 98 -26.69 -0.55 5.38
N ASN A 99 -26.45 -0.39 4.07
CA ASN A 99 -27.46 -0.09 3.06
C ASN A 99 -28.23 1.18 3.38
N SER A 100 -27.58 2.15 4.02
CA SER A 100 -28.21 3.41 4.35
C SER A 100 -27.54 4.49 3.52
N ASN A 101 -27.90 5.74 3.82
CA ASN A 101 -27.26 6.91 3.25
C ASN A 101 -26.09 7.39 4.10
N LYS A 102 -25.89 6.82 5.29
CA LYS A 102 -24.76 7.16 6.13
C LYS A 102 -23.45 6.60 5.53
N LYS A 103 -22.41 7.42 5.57
CA LYS A 103 -21.13 7.08 4.98
C LYS A 103 -20.09 6.89 6.09
N GLU A 104 -19.20 5.92 5.88
CA GLU A 104 -18.08 5.71 6.76
C GLU A 104 -16.89 5.22 5.96
N TRP A 105 -15.72 5.45 6.56
CA TRP A 105 -14.49 4.99 5.95
C TRP A 105 -14.26 3.56 6.40
N ASN A 106 -13.82 2.76 5.42
CA ASN A 106 -13.30 1.44 5.69
C ASN A 106 -11.77 1.56 5.75
N GLY A 107 -11.09 0.41 5.79
CA GLY A 107 -9.64 0.36 5.75
C GLY A 107 -8.98 1.05 6.93
N MET A 108 -7.70 1.41 6.72
CA MET A 108 -6.88 2.10 7.71
C MET A 108 -7.49 3.47 8.03
N MET A 109 -8.10 4.09 7.01
CA MET A 109 -8.83 5.34 7.18
C MET A 109 -9.83 5.22 8.33
N GLY A 110 -10.70 4.21 8.23
CA GLY A 110 -11.77 4.03 9.19
C GLY A 110 -11.27 3.71 10.59
N GLU A 111 -10.21 2.87 10.67
CA GLU A 111 -9.59 2.53 11.95
C GLU A 111 -8.99 3.77 12.60
N LEU A 112 -8.30 4.61 11.82
CA LEU A 112 -7.74 5.85 12.37
C LEU A 112 -8.85 6.73 12.96
N LEU A 113 -9.96 6.86 12.21
CA LEU A 113 -11.06 7.75 12.55
C LEU A 113 -11.82 7.25 13.79
N SER A 114 -11.82 5.92 13.99
CA SER A 114 -12.58 5.28 15.05
C SER A 114 -11.76 5.22 16.32
N GLY A 115 -10.43 5.39 16.25
CA GLY A 115 -9.59 5.24 17.43
C GLY A 115 -9.00 3.82 17.56
N GLN A 116 -9.33 2.92 16.62
CA GLN A 116 -8.69 1.62 16.59
C GLN A 116 -7.21 1.81 16.21
N ALA A 117 -6.87 2.90 15.51
CA ALA A 117 -5.47 3.27 15.35
C ALA A 117 -5.29 4.74 15.72
N ASP A 118 -4.04 5.11 16.05
CA ASP A 118 -3.65 6.50 16.29
C ASP A 118 -2.83 7.08 15.12
N MET A 119 -2.17 6.21 14.34
CA MET A 119 -1.32 6.65 13.24
C MET A 119 -1.34 5.54 12.19
N ILE A 120 -1.49 5.92 10.91
CA ILE A 120 -1.35 5.00 9.79
C ILE A 120 0.08 5.14 9.26
N VAL A 121 0.82 4.04 9.25
CA VAL A 121 2.21 4.00 8.81
C VAL A 121 2.29 2.94 7.71
N ALA A 122 2.18 3.41 6.47
CA ALA A 122 1.88 2.54 5.36
C ALA A 122 2.12 3.32 4.07
N PRO A 123 2.14 2.64 2.91
CA PRO A 123 2.22 3.35 1.64
C PRO A 123 0.86 3.94 1.27
N LEU A 124 0.48 4.99 2.00
CA LEU A 124 -0.87 5.53 1.97
C LEU A 124 -0.87 6.75 1.05
N THR A 125 -1.70 6.71 0.00
CA THR A 125 -1.79 7.82 -0.96
C THR A 125 -2.42 9.05 -0.31
N ILE A 126 -1.74 10.20 -0.47
CA ILE A 126 -2.26 11.50 -0.10
C ILE A 126 -3.23 12.00 -1.17
N ASN A 127 -4.43 12.42 -0.78
CA ASN A 127 -5.33 13.14 -1.68
C ASN A 127 -6.35 13.95 -0.87
N ASN A 128 -7.11 14.82 -1.54
CA ASN A 128 -8.10 15.72 -0.92
C ASN A 128 -9.26 14.95 -0.30
N GLU A 129 -9.82 13.94 -0.97
CA GLU A 129 -10.93 13.18 -0.39
C GLU A 129 -10.56 12.76 1.04
N ARG A 130 -9.37 12.15 1.21
CA ARG A 130 -8.96 11.63 2.51
C ARG A 130 -8.56 12.78 3.41
N ALA A 131 -8.00 13.84 2.81
CA ALA A 131 -7.53 14.98 3.57
C ALA A 131 -8.69 15.74 4.23
N GLN A 132 -9.93 15.50 3.77
CA GLN A 132 -11.07 16.11 4.39
C GLN A 132 -11.33 15.52 5.78
N TYR A 133 -10.80 14.33 6.07
CA TYR A 133 -11.14 13.63 7.29
C TYR A 133 -9.93 13.47 8.20
N ILE A 134 -8.73 13.38 7.61
CA ILE A 134 -7.55 13.14 8.40
C ILE A 134 -6.51 14.15 7.98
N GLU A 135 -5.38 14.12 8.70
CA GLU A 135 -4.20 14.87 8.30
C GLU A 135 -3.10 13.91 7.88
N PHE A 136 -2.33 14.38 6.88
CA PHE A 136 -1.16 13.67 6.37
C PHE A 136 0.11 14.39 6.74
N SER A 137 1.18 13.62 6.97
CA SER A 137 2.51 14.21 6.94
C SER A 137 2.82 14.70 5.52
N LYS A 138 3.84 15.55 5.40
CA LYS A 138 4.50 15.73 4.11
C LYS A 138 4.87 14.37 3.55
N PRO A 139 4.94 14.21 2.21
CA PRO A 139 5.24 12.92 1.62
C PRO A 139 6.53 12.31 2.17
N PHE A 140 6.50 11.02 2.49
CA PHE A 140 7.76 10.35 2.79
C PHE A 140 8.31 9.72 1.52
N LYS A 141 7.51 9.66 0.46
CA LYS A 141 7.90 9.08 -0.83
C LYS A 141 7.03 9.69 -1.91
N TYR A 142 7.66 10.08 -3.03
CA TYR A 142 6.97 10.63 -4.19
C TYR A 142 6.80 9.54 -5.23
N GLN A 143 5.64 9.41 -5.84
CA GLN A 143 5.41 8.29 -6.75
C GLN A 143 4.25 8.60 -7.69
N GLY A 144 3.75 7.59 -8.37
CA GLY A 144 2.57 7.77 -9.21
C GLY A 144 1.83 6.44 -9.42
N LEU A 145 1.00 6.44 -10.47
CA LEU A 145 0.26 5.30 -10.97
C LEU A 145 0.90 4.78 -12.24
N THR A 146 1.01 3.46 -12.33
CA THR A 146 1.39 2.81 -13.56
C THR A 146 0.59 1.53 -13.67
N ILE A 147 1.01 0.70 -14.62
CA ILE A 147 0.32 -0.54 -14.91
C ILE A 147 1.34 -1.66 -14.93
N LEU A 148 0.95 -2.77 -14.27
CA LEU A 148 1.70 -4.01 -14.25
C LEU A 148 1.07 -4.96 -15.29
N VAL A 149 1.95 -5.51 -16.15
CA VAL A 149 1.55 -6.44 -17.21
C VAL A 149 2.65 -7.50 -17.34
N LYS A 150 2.33 -8.55 -18.10
CA LYS A 150 3.32 -9.54 -18.45
C LYS A 150 4.29 -8.93 -19.47
N LYS A 151 5.57 -9.32 -19.37
CA LYS A 151 6.62 -8.92 -20.29
C LYS A 151 6.18 -9.03 -21.75
N GLY A 152 6.40 -7.99 -22.53
CA GLY A 152 6.05 -8.03 -23.94
C GLY A 152 4.70 -7.39 -24.24
N THR A 153 4.02 -6.92 -23.19
CA THR A 153 2.88 -6.03 -23.33
C THR A 153 3.33 -4.60 -23.08
N ARG A 154 2.81 -3.66 -23.87
CA ARG A 154 3.03 -2.24 -23.62
C ARG A 154 1.67 -1.55 -23.77
N ILE A 155 1.44 -0.55 -22.93
CA ILE A 155 0.24 0.26 -22.98
C ILE A 155 0.68 1.71 -23.19
N THR A 156 0.11 2.35 -24.21
CA THR A 156 0.45 3.72 -24.56
C THR A 156 0.16 4.61 -23.35
N GLY A 157 -0.96 4.37 -22.67
CA GLY A 157 -1.34 5.18 -21.53
C GLY A 157 -2.84 5.08 -21.29
N ILE A 158 -3.45 6.20 -20.87
CA ILE A 158 -4.86 6.19 -20.52
C ILE A 158 -5.72 6.15 -21.79
N ASN A 159 -5.18 6.62 -22.92
CA ASN A 159 -5.89 6.57 -24.19
C ASN A 159 -5.69 5.24 -24.94
N ASP A 160 -5.06 4.24 -24.31
CA ASP A 160 -4.90 2.97 -24.97
C ASP A 160 -6.28 2.38 -25.27
N PRO A 161 -6.57 2.01 -26.55
CA PRO A 161 -7.86 1.43 -26.91
C PRO A 161 -8.31 0.22 -26.08
N ARG A 162 -7.37 -0.63 -25.69
CA ARG A 162 -7.68 -1.75 -24.81
C ARG A 162 -8.25 -1.29 -23.45
N LEU A 163 -7.95 -0.04 -23.04
CA LEU A 163 -8.50 0.53 -21.83
C LEU A 163 -9.79 1.28 -22.16
N ARG A 164 -9.72 2.16 -23.18
CA ARG A 164 -10.82 3.07 -23.55
C ARG A 164 -12.03 2.34 -24.16
N ASN A 165 -11.81 1.20 -24.82
CA ASN A 165 -12.84 0.45 -25.51
C ASN A 165 -12.68 -1.02 -25.10
N PRO A 166 -13.00 -1.38 -23.83
CA PRO A 166 -12.64 -2.68 -23.27
C PRO A 166 -13.43 -3.87 -23.81
N SER A 167 -12.76 -5.03 -23.85
CA SER A 167 -13.41 -6.32 -23.99
C SER A 167 -12.82 -7.32 -22.98
N ASP A 168 -13.41 -8.52 -22.95
CA ASP A 168 -12.94 -9.59 -22.07
C ASP A 168 -11.65 -10.21 -22.61
N LYS A 169 -11.13 -9.74 -23.77
CA LYS A 169 -9.86 -10.20 -24.33
C LYS A 169 -8.68 -9.57 -23.57
N PHE A 170 -8.93 -8.43 -22.94
CA PHE A 170 -7.92 -7.72 -22.18
C PHE A 170 -8.55 -7.15 -20.92
N ILE A 171 -8.35 -7.88 -19.82
CA ILE A 171 -8.96 -7.55 -18.55
C ILE A 171 -7.99 -6.72 -17.72
N TYR A 172 -8.52 -5.64 -17.15
CA TYR A 172 -7.76 -4.84 -16.21
C TYR A 172 -8.59 -4.60 -14.94
N ALA A 173 -7.85 -4.31 -13.88
CA ALA A 173 -8.41 -4.20 -12.56
C ALA A 173 -7.47 -3.41 -11.68
N THR A 174 -7.96 -3.07 -10.48
CA THR A 174 -7.14 -2.57 -9.39
C THR A 174 -7.64 -3.24 -8.11
N VAL A 175 -7.33 -2.63 -6.96
CA VAL A 175 -7.66 -3.16 -5.65
C VAL A 175 -8.90 -2.42 -5.16
N LYS A 176 -9.84 -3.18 -4.57
CA LYS A 176 -11.03 -2.61 -3.97
C LYS A 176 -10.66 -1.75 -2.77
N GLN A 177 -11.46 -0.70 -2.55
CA GLN A 177 -11.33 0.12 -1.34
C GLN A 177 -9.96 0.78 -1.30
N SER A 178 -9.44 1.12 -2.51
CA SER A 178 -8.25 1.96 -2.70
C SER A 178 -8.67 3.30 -3.31
N SER A 179 -7.81 4.30 -3.23
CA SER A 179 -8.08 5.59 -3.89
C SER A 179 -8.13 5.42 -5.41
N VAL A 180 -7.45 4.38 -5.95
CA VAL A 180 -7.47 4.11 -7.37
C VAL A 180 -8.90 3.92 -7.84
N ASP A 181 -9.59 3.01 -7.15
CA ASP A 181 -10.93 2.61 -7.48
C ASP A 181 -11.88 3.82 -7.45
N ILE A 182 -11.64 4.73 -6.50
CA ILE A 182 -12.51 5.89 -6.32
C ILE A 182 -12.26 6.92 -7.43
N TYR A 183 -10.98 7.15 -7.76
CA TYR A 183 -10.60 8.07 -8.81
C TYR A 183 -11.31 7.71 -10.11
N PHE A 184 -11.26 6.42 -10.49
CA PHE A 184 -11.94 5.91 -11.67
C PHE A 184 -13.46 5.99 -11.52
N ARG A 185 -13.96 5.75 -10.29
CA ARG A 185 -15.39 5.84 -10.01
C ARG A 185 -15.86 7.28 -10.24
N ARG A 186 -15.08 8.28 -9.82
CA ARG A 186 -15.53 9.66 -9.84
C ARG A 186 -15.32 10.30 -11.21
N GLN A 187 -14.22 10.02 -11.92
CA GLN A 187 -13.90 10.76 -13.16
C GLN A 187 -14.90 10.36 -14.25
N VAL A 188 -15.71 11.33 -14.72
CA VAL A 188 -16.82 11.06 -15.63
C VAL A 188 -16.29 10.52 -16.95
N GLU A 189 -15.12 11.03 -17.38
CA GLU A 189 -14.46 10.62 -18.62
C GLU A 189 -13.97 9.17 -18.53
N LEU A 190 -13.84 8.59 -17.30
CA LEU A 190 -13.34 7.23 -17.14
C LEU A 190 -14.47 6.23 -16.84
N SER A 191 -15.73 6.57 -17.15
CA SER A 191 -16.87 5.73 -16.80
C SER A 191 -16.78 4.34 -17.41
N THR A 192 -16.41 4.25 -18.69
CA THR A 192 -16.37 2.96 -19.37
C THR A 192 -15.29 2.05 -18.74
N MET A 193 -14.17 2.65 -18.32
CA MET A 193 -13.10 1.92 -17.69
C MET A 193 -13.56 1.42 -16.32
N TYR A 194 -14.21 2.32 -15.57
CA TYR A 194 -14.69 2.00 -14.24
C TYR A 194 -15.62 0.79 -14.30
N ARG A 195 -16.57 0.83 -15.24
CA ARG A 195 -17.64 -0.17 -15.33
C ARG A 195 -17.04 -1.55 -15.64
N HIS A 196 -15.98 -1.59 -16.47
CA HIS A 196 -15.26 -2.83 -16.73
C HIS A 196 -14.54 -3.29 -15.47
N MET A 197 -13.86 -2.36 -14.79
CA MET A 197 -13.01 -2.69 -13.65
C MET A 197 -13.81 -3.18 -12.44
N GLU A 198 -14.98 -2.57 -12.17
CA GLU A 198 -15.76 -2.88 -10.98
C GLU A 198 -16.08 -4.39 -10.96
N LYS A 199 -16.09 -5.03 -12.14
CA LYS A 199 -16.36 -6.46 -12.29
C LYS A 199 -15.16 -7.33 -11.93
N HIS A 200 -13.94 -6.76 -11.88
CA HIS A 200 -12.70 -7.54 -11.86
C HIS A 200 -11.75 -7.13 -10.74
N ASN A 201 -12.13 -6.19 -9.89
CA ASN A 201 -11.22 -5.69 -8.88
C ASN A 201 -10.88 -6.78 -7.85
N TYR A 202 -9.69 -6.66 -7.22
CA TYR A 202 -9.19 -7.66 -6.31
C TYR A 202 -9.21 -7.13 -4.88
N GLU A 203 -9.19 -8.05 -3.92
CA GLU A 203 -9.21 -7.70 -2.50
C GLU A 203 -7.85 -7.18 -2.06
N SER A 204 -6.76 -7.59 -2.72
CA SER A 204 -5.43 -7.14 -2.33
C SER A 204 -4.52 -7.04 -3.57
N ALA A 205 -3.47 -6.21 -3.46
CA ALA A 205 -2.41 -6.10 -4.48
C ALA A 205 -1.74 -7.44 -4.81
N ALA A 206 -1.29 -8.17 -3.78
CA ALA A 206 -0.71 -9.49 -3.90
C ALA A 206 -1.53 -10.40 -4.83
N GLU A 207 -2.86 -10.37 -4.67
CA GLU A 207 -3.72 -11.24 -5.46
C GLU A 207 -3.79 -10.80 -6.91
N ALA A 208 -3.96 -9.48 -7.13
CA ALA A 208 -3.96 -8.96 -8.49
C ALA A 208 -2.63 -9.28 -9.19
N ILE A 209 -1.50 -9.17 -8.47
CA ILE A 209 -0.19 -9.38 -9.04
C ILE A 209 -0.04 -10.84 -9.48
N GLN A 210 -0.46 -11.76 -8.62
CA GLN A 210 -0.47 -13.19 -8.90
C GLN A 210 -1.32 -13.47 -10.14
N ALA A 211 -2.43 -12.77 -10.27
CA ALA A 211 -3.32 -12.92 -11.41
C ALA A 211 -2.61 -12.54 -12.70
N VAL A 212 -1.80 -11.47 -12.67
CA VAL A 212 -1.07 -11.04 -13.85
C VAL A 212 -0.07 -12.13 -14.23
N ARG A 213 0.69 -12.64 -13.25
CA ARG A 213 1.62 -13.72 -13.48
C ARG A 213 0.92 -14.98 -14.03
N ASP A 214 -0.32 -15.23 -13.61
CA ASP A 214 -1.01 -16.46 -14.00
C ASP A 214 -1.90 -16.21 -15.22
N ASN A 215 -1.71 -15.10 -15.90
CA ASN A 215 -2.44 -14.81 -17.11
C ASN A 215 -3.94 -14.82 -16.88
N LYS A 216 -4.38 -14.57 -15.64
CA LYS A 216 -5.79 -14.46 -15.32
C LYS A 216 -6.23 -13.00 -15.36
N LEU A 217 -5.31 -12.05 -15.16
CA LEU A 217 -5.57 -10.63 -15.32
C LEU A 217 -4.51 -10.05 -16.25
N HIS A 218 -4.89 -9.19 -17.20
CA HIS A 218 -3.95 -8.74 -18.22
C HIS A 218 -3.18 -7.51 -17.72
N ALA A 219 -3.82 -6.68 -16.89
CA ALA A 219 -3.21 -5.43 -16.48
C ALA A 219 -3.67 -5.07 -15.08
N PHE A 220 -2.74 -4.60 -14.25
CA PHE A 220 -3.10 -4.20 -12.90
C PHE A 220 -2.68 -2.76 -12.70
N ILE A 221 -3.65 -1.91 -12.35
CA ILE A 221 -3.39 -0.48 -12.23
C ILE A 221 -3.10 -0.15 -10.76
N TRP A 222 -1.89 0.36 -10.47
CA TRP A 222 -1.46 0.46 -9.08
C TRP A 222 -0.26 1.40 -8.88
N ASP A 223 0.05 1.63 -7.60
CA ASP A 223 1.18 2.44 -7.19
C ASP A 223 2.45 2.01 -7.92
N SER A 224 3.13 2.95 -8.56
CA SER A 224 4.41 2.72 -9.21
C SER A 224 5.48 2.28 -8.22
N ALA A 225 5.48 2.86 -6.99
CA ALA A 225 6.46 2.50 -5.97
C ALA A 225 6.40 1.01 -5.66
N VAL A 226 5.20 0.46 -5.66
CA VAL A 226 5.01 -0.97 -5.44
C VAL A 226 5.33 -1.72 -6.73
N LEU A 227 4.72 -1.30 -7.83
CA LEU A 227 4.72 -2.09 -9.04
C LEU A 227 6.13 -2.12 -9.65
N GLU A 228 6.88 -1.02 -9.56
CA GLU A 228 8.22 -0.99 -10.13
C GLU A 228 9.12 -1.91 -9.33
N PHE A 229 8.87 -2.01 -8.03
CA PHE A 229 9.60 -2.96 -7.19
C PHE A 229 9.22 -4.39 -7.60
N GLU A 230 7.92 -4.64 -7.71
CA GLU A 230 7.44 -5.96 -8.09
C GLU A 230 7.96 -6.36 -9.48
N ALA A 231 7.89 -5.44 -10.44
CA ALA A 231 8.30 -5.75 -11.81
C ALA A 231 9.81 -5.99 -11.84
N SER A 232 10.54 -5.28 -10.98
CA SER A 232 12.00 -5.39 -10.95
C SER A 232 12.46 -6.64 -10.21
N GLN A 233 11.58 -7.28 -9.44
CA GLN A 233 12.06 -8.48 -8.80
C GLN A 233 11.47 -9.74 -9.42
N LYS A 234 10.50 -9.54 -10.32
CA LYS A 234 9.92 -10.64 -11.06
C LYS A 234 10.18 -10.41 -12.55
N CYS A 235 11.08 -11.24 -13.07
CA CYS A 235 11.56 -11.14 -14.44
C CYS A 235 10.44 -11.29 -15.46
N ASP A 236 9.34 -11.94 -15.09
CA ASP A 236 8.24 -12.17 -16.00
C ASP A 236 7.34 -10.93 -16.11
N LEU A 237 7.49 -9.95 -15.22
CA LEU A 237 6.54 -8.84 -15.13
C LEU A 237 7.26 -7.52 -15.34
N VAL A 238 6.56 -6.58 -15.98
CA VAL A 238 7.11 -5.28 -16.28
C VAL A 238 6.04 -4.24 -15.94
N THR A 239 6.43 -2.96 -15.90
CA THR A 239 5.48 -1.85 -15.83
C THR A 239 5.42 -1.11 -17.17
N THR A 240 4.31 -0.37 -17.38
CA THR A 240 4.06 0.37 -18.62
C THR A 240 3.03 1.46 -18.31
N GLY A 241 3.17 2.63 -18.94
CA GLY A 241 2.21 3.72 -18.72
C GLY A 241 2.49 4.52 -17.45
N GLU A 242 2.26 5.84 -17.53
CA GLU A 242 2.38 6.69 -16.36
C GLU A 242 1.08 7.45 -16.28
N LEU A 243 0.07 6.85 -15.63
CA LEU A 243 -1.26 7.42 -15.65
C LEU A 243 -1.33 8.64 -14.74
N PHE A 244 -1.86 9.74 -15.28
CA PHE A 244 -2.40 10.85 -14.50
C PHE A 244 -1.28 11.75 -13.98
N PHE A 245 -1.31 11.99 -12.67
CA PHE A 245 -0.45 12.96 -12.02
C PHE A 245 0.36 12.22 -10.94
N ARG A 246 1.40 12.89 -10.45
CA ARG A 246 2.23 12.33 -9.41
C ARG A 246 1.65 12.60 -8.03
N SER A 247 2.02 11.74 -7.09
CA SER A 247 1.25 11.52 -5.88
C SER A 247 2.25 11.08 -4.83
N GLY A 248 1.99 11.32 -3.55
CA GLY A 248 2.94 10.92 -2.54
C GLY A 248 2.30 9.93 -1.58
N PHE A 249 3.17 9.29 -0.77
CA PHE A 249 2.76 8.51 0.38
C PHE A 249 3.03 9.33 1.63
N GLY A 250 2.05 9.35 2.56
CA GLY A 250 2.17 10.10 3.81
C GLY A 250 1.82 9.26 5.04
N ILE A 251 2.39 9.67 6.19
CA ILE A 251 1.87 9.21 7.46
C ILE A 251 0.48 9.83 7.65
N GLY A 252 -0.46 9.03 8.21
CA GLY A 252 -1.82 9.50 8.45
C GLY A 252 -2.14 9.61 9.94
N MET A 253 -2.78 10.72 10.35
CA MET A 253 -3.13 11.01 11.73
C MET A 253 -4.47 11.74 11.74
N ARG A 254 -5.18 11.67 12.87
CA ARG A 254 -6.47 12.35 12.98
C ARG A 254 -6.25 13.87 12.88
N LYS A 255 -7.28 14.60 12.43
CA LYS A 255 -7.18 16.05 12.31
C LYS A 255 -6.68 16.65 13.62
N ASP A 256 -5.90 17.72 13.56
CA ASP A 256 -5.55 18.53 14.71
C ASP A 256 -4.73 17.70 15.71
N SER A 257 -4.08 16.65 15.22
CA SER A 257 -3.25 15.79 16.05
C SER A 257 -1.97 16.52 16.46
N PRO A 258 -1.57 16.42 17.75
CA PRO A 258 -0.32 17.02 18.23
C PRO A 258 0.95 16.39 17.63
N TRP A 259 0.80 15.26 16.95
CA TRP A 259 1.92 14.55 16.35
C TRP A 259 2.39 15.18 15.03
N LYS A 260 1.45 15.77 14.26
CA LYS A 260 1.70 16.05 12.86
C LYS A 260 3.00 16.82 12.60
N GLN A 261 3.28 17.88 13.37
CA GLN A 261 4.34 18.81 13.02
C GLN A 261 5.67 18.05 13.11
N ASN A 262 5.83 17.28 14.18
CA ASN A 262 7.11 16.63 14.43
C ASN A 262 7.28 15.45 13.49
N VAL A 263 6.17 14.83 13.06
CA VAL A 263 6.30 13.75 12.10
C VAL A 263 6.82 14.31 10.76
N SER A 264 6.23 15.42 10.30
CA SER A 264 6.62 16.09 9.08
C SER A 264 8.07 16.53 9.14
N LEU A 265 8.46 17.00 10.34
CA LEU A 265 9.82 17.48 10.56
C LEU A 265 10.79 16.32 10.46
N SER A 266 10.37 15.15 10.99
CA SER A 266 11.21 13.97 10.95
C SER A 266 11.37 13.48 9.52
N ILE A 267 10.29 13.53 8.72
CA ILE A 267 10.36 13.12 7.33
C ILE A 267 11.22 14.09 6.50
N LEU A 268 11.13 15.40 6.77
CA LEU A 268 11.99 16.40 6.13
C LEU A 268 13.47 16.08 6.40
N LYS A 269 13.83 15.81 7.64
CA LYS A 269 15.20 15.48 7.98
C LYS A 269 15.68 14.32 7.09
N SER A 270 14.85 13.27 6.98
CA SER A 270 15.20 12.04 6.27
C SER A 270 15.30 12.30 4.79
N HIS A 271 14.55 13.28 4.26
CA HIS A 271 14.75 13.66 2.86
C HIS A 271 16.06 14.46 2.71
N GLU A 272 16.43 15.24 3.73
CA GLU A 272 17.59 16.12 3.67
C GLU A 272 18.92 15.36 3.81
N ASN A 273 18.92 14.25 4.58
CA ASN A 273 20.15 13.70 5.09
C ASN A 273 20.48 12.36 4.46
N GLY A 274 19.71 11.89 3.48
CA GLY A 274 20.04 10.65 2.80
C GLY A 274 19.37 9.41 3.42
N PHE A 275 18.59 9.54 4.49
CA PHE A 275 18.01 8.37 5.11
C PHE A 275 17.02 7.68 4.17
N MET A 276 16.12 8.43 3.51
CA MET A 276 15.16 7.84 2.60
C MET A 276 15.88 7.11 1.47
N GLU A 277 16.97 7.71 0.95
CA GLU A 277 17.73 7.07 -0.12
C GLU A 277 18.35 5.77 0.38
N ASP A 278 18.85 5.77 1.63
CA ASP A 278 19.37 4.55 2.24
C ASP A 278 18.27 3.50 2.30
N LEU A 279 17.04 3.92 2.65
CA LEU A 279 15.91 3.00 2.67
C LEU A 279 15.62 2.46 1.26
N ASP A 280 15.75 3.31 0.25
CA ASP A 280 15.55 2.83 -1.12
C ASP A 280 16.61 1.82 -1.51
N LYS A 281 17.86 2.01 -1.07
CA LYS A 281 18.97 1.11 -1.40
C LYS A 281 18.86 -0.20 -0.62
N THR A 282 17.97 -0.23 0.40
CA THR A 282 17.74 -1.42 1.21
C THR A 282 16.55 -2.20 0.68
N TRP A 283 15.47 -1.50 0.28
CA TRP A 283 14.18 -2.16 0.11
C TRP A 283 13.61 -2.07 -1.29
N VAL A 284 14.15 -1.19 -2.13
CA VAL A 284 13.51 -0.87 -3.39
C VAL A 284 14.41 -1.20 -4.60
N ARG A 285 15.71 -0.87 -4.53
CA ARG A 285 16.62 -1.10 -5.64
C ARG A 285 17.96 -1.58 -5.11
N TYR A 286 18.21 -2.89 -5.25
CA TYR A 286 19.39 -3.47 -4.61
C TYR A 286 19.85 -4.75 -5.29
N GLN A 287 19.06 -5.35 -6.21
CA GLN A 287 19.48 -6.57 -6.90
C GLN A 287 18.61 -6.79 -8.14
N GLU A 288 19.00 -7.78 -8.97
CA GLU A 288 18.24 -8.22 -10.14
C GLU A 288 17.09 -9.16 -9.77
N CYS A 289 16.21 -9.39 -10.74
CA CYS A 289 15.00 -10.16 -10.53
C CYS A 289 15.32 -11.61 -10.19
N ASP A 290 14.59 -12.20 -9.23
CA ASP A 290 14.81 -13.60 -8.86
C ASP A 290 13.52 -14.27 -8.36
N SER A 291 12.33 -13.73 -8.73
CA SER A 291 11.05 -14.27 -8.26
C SER A 291 10.11 -14.42 -9.45
#